data_4XE7
#
_entry.id   4XE7
#
_cell.length_a   49.248
_cell.length_b   116.430
_cell.length_c   52.171
_cell.angle_alpha   90.000
_cell.angle_beta   115.730
_cell.angle_gamma   90.000
#
_symmetry.space_group_name_H-M   'P 1 21 1'
#
loop_
_entity.id
_entity.type
_entity.pdbx_description
1 polymer 'Uncharacterized protein'
2 water water
#
_entity_poly.entity_id   1
_entity_poly.type   'polypeptide(L)'
_entity_poly.pdbx_seq_one_letter_code
;MVEQMLSKNMLLGGFDTGNIKAKISFLNEKGNIESFAIPTVIAEAPPAKIDLKSAPSKKNDYVNEKDEDIELLHVRIISN
SLDGDARSRAWYVGAYAKDQEDRQEPTVDEMGKTEDKFSQKNKKLHLIPLFTSMAVAAARIGKEEVSVPFSGGMPIEDYK
LRGEEQILEMLYGEHTVEFLDGTYEGKKIKITINDGTMNVEGVSSVLAILFDIVNGEIVEVEGMDAEIGESYAINDLGAG
TSDNAFFEDGELNKKLSTNTDLGTNKYIDEILKNIKERFMENEILKSFMTDEIESPFKTREDFIQRLVMPEVEKMIEDDT
YKPTFSVKWGPVKENVTDIVMDGMLKYAEDQKASLMKFWFKTNADKNIVVGGGVLFGYAGLRDLKEQDGFILPKNIQESA
YFTSRSYLIANLLEQLNKEGVEA
;
_entity_poly.pdbx_strand_id   A
#
# COMPACT_ATOMS: atom_id res chain seq x y z
N MET A 1 12.15 -19.96 -17.52
CA MET A 1 12.56 -20.38 -16.17
C MET A 1 11.58 -19.86 -15.14
N VAL A 2 11.28 -18.57 -15.20
CA VAL A 2 10.30 -18.01 -14.27
C VAL A 2 8.95 -18.65 -14.52
N GLU A 3 8.65 -18.86 -15.80
CA GLU A 3 7.45 -19.60 -16.22
C GLU A 3 7.30 -20.93 -15.52
N GLN A 4 8.35 -21.75 -15.60
CA GLN A 4 8.36 -23.07 -14.98
C GLN A 4 8.20 -22.96 -13.48
N MET A 5 8.86 -21.98 -12.88
CA MET A 5 8.75 -21.72 -11.45
C MET A 5 7.31 -21.45 -11.06
N LEU A 6 6.67 -20.51 -11.73
CA LEU A 6 5.34 -20.06 -11.34
C LEU A 6 4.26 -21.08 -11.62
N SER A 7 4.49 -21.96 -12.61
CA SER A 7 3.46 -22.94 -12.94
C SER A 7 3.38 -24.06 -11.88
N LYS A 8 4.37 -24.14 -10.99
CA LYS A 8 4.35 -25.15 -9.93
C LYS A 8 3.42 -24.77 -8.79
N ASN A 9 3.17 -25.71 -7.88
CA ASN A 9 2.33 -25.44 -6.71
C ASN A 9 3.05 -24.50 -5.75
N MET A 10 3.13 -23.23 -6.14
CA MET A 10 3.88 -22.25 -5.37
C MET A 10 3.32 -20.85 -5.57
N LEU A 11 3.55 -20.01 -4.58
CA LEU A 11 3.21 -18.59 -4.64
C LEU A 11 4.49 -17.82 -4.39
N LEU A 12 4.82 -16.91 -5.29
CA LEU A 12 5.97 -16.05 -5.08
C LEU A 12 5.49 -14.65 -4.68
N GLY A 13 5.63 -14.30 -3.41
CA GLY A 13 5.17 -13.00 -2.92
C GLY A 13 6.17 -12.22 -2.09
N GLY A 14 5.80 -10.99 -1.78
CA GLY A 14 6.54 -10.13 -0.87
C GLY A 14 5.53 -9.74 0.19
N PHE A 15 5.91 -9.83 1.46
CA PHE A 15 4.94 -9.69 2.53
C PHE A 15 5.33 -8.58 3.47
N ASP A 16 4.54 -7.53 3.43
CA ASP A 16 4.78 -6.31 4.18
C ASP A 16 3.77 -6.22 5.33
N THR A 17 4.25 -6.54 6.53
CA THR A 17 3.46 -6.51 7.74
C THR A 17 3.52 -5.15 8.42
N GLY A 18 2.53 -4.29 8.17
CA GLY A 18 2.41 -3.03 8.89
C GLY A 18 1.41 -3.09 10.04
N ASN A 19 1.38 -2.04 10.86
CA ASN A 19 0.46 -1.99 11.99
C ASN A 19 -0.97 -1.68 11.59
N ILE A 20 -1.14 -1.02 10.45
CA ILE A 20 -2.47 -0.65 9.98
C ILE A 20 -2.96 -1.66 8.96
N LYS A 21 -2.03 -2.14 8.13
CA LYS A 21 -2.39 -2.97 6.98
C LYS A 21 -1.42 -4.13 6.79
N ALA A 22 -1.96 -5.24 6.31
CA ALA A 22 -1.13 -6.30 5.79
C ALA A 22 -1.09 -6.07 4.29
N LYS A 23 0.09 -5.90 3.72
CA LYS A 23 0.15 -5.73 2.27
C LYS A 23 0.88 -6.90 1.64
N ILE A 24 0.45 -7.27 0.44
CA ILE A 24 1.13 -8.32 -0.32
C ILE A 24 1.34 -7.85 -1.75
N SER A 25 2.49 -8.22 -2.31
CA SER A 25 2.70 -8.15 -3.74
C SER A 25 3.11 -9.54 -4.23
N PHE A 26 2.48 -10.05 -5.27
CA PHE A 26 2.85 -11.38 -5.76
C PHE A 26 2.84 -11.43 -7.27
N LEU A 27 3.39 -12.50 -7.84
CA LEU A 27 3.33 -12.67 -9.27
C LEU A 27 2.11 -13.50 -9.62
N ASN A 28 1.25 -12.97 -10.48
CA ASN A 28 0.03 -13.66 -10.80
C ASN A 28 0.29 -14.60 -11.97
N GLU A 29 -0.75 -15.10 -12.61
CA GLU A 29 -0.51 -16.10 -13.66
C GLU A 29 0.08 -15.52 -14.94
N LYS A 30 -0.10 -14.22 -15.19
CA LYS A 30 0.54 -13.62 -16.35
C LYS A 30 1.96 -13.17 -16.01
N GLY A 31 2.42 -13.50 -14.80
CA GLY A 31 3.76 -13.12 -14.35
C GLY A 31 3.92 -11.64 -14.04
N ASN A 32 2.80 -10.95 -13.86
CA ASN A 32 2.83 -9.54 -13.45
C ASN A 32 2.70 -9.41 -11.95
N ILE A 33 3.15 -8.27 -11.41
CA ILE A 33 3.02 -8.00 -9.98
C ILE A 33 1.60 -7.59 -9.66
N GLU A 34 0.97 -8.32 -8.74
CA GLU A 34 -0.38 -8.02 -8.28
C GLU A 34 -0.35 -7.72 -6.78
N SER A 35 -1.05 -6.67 -6.35
CA SER A 35 -0.99 -6.24 -4.95
C SER A 35 -2.35 -5.90 -4.37
N PHE A 36 -2.51 -6.21 -3.09
CA PHE A 36 -3.64 -5.72 -2.31
C PHE A 36 -3.24 -5.57 -0.85
N ALA A 37 -4.13 -4.94 -0.08
CA ALA A 37 -3.91 -4.69 1.33
C ALA A 37 -5.09 -5.23 2.15
N ILE A 38 -4.78 -5.87 3.26
CA ILE A 38 -5.83 -6.29 4.20
C ILE A 38 -5.63 -5.52 5.49
N PRO A 39 -6.64 -4.73 5.90
CA PRO A 39 -6.45 -3.99 7.15
C PRO A 39 -6.24 -4.94 8.34
N THR A 40 -5.37 -4.51 9.24
CA THR A 40 -4.96 -5.34 10.36
C THR A 40 -6.02 -5.28 11.46
N VAL A 41 -7.12 -5.96 11.18
CA VAL A 41 -8.28 -5.98 12.04
C VAL A 41 -8.85 -7.38 12.03
N ILE A 42 -8.99 -7.99 13.20
CA ILE A 42 -9.63 -9.30 13.28
C ILE A 42 -10.75 -9.30 14.33
N ALA A 43 -11.65 -10.26 14.21
CA ALA A 43 -12.77 -10.42 15.14
C ALA A 43 -13.19 -11.89 15.20
N GLU A 44 -13.41 -12.42 16.40
CA GLU A 44 -13.82 -13.81 16.57
C GLU A 44 -15.13 -14.07 15.80
N ALA A 45 -15.20 -15.23 15.14
CA ALA A 45 -16.32 -15.53 14.24
C ALA A 45 -16.92 -16.89 14.52
N PRO A 46 -18.20 -17.09 14.15
CA PRO A 46 -18.86 -18.41 14.24
C PRO A 46 -18.14 -19.46 13.42
N PRO A 47 -18.25 -20.73 13.83
CA PRO A 47 -17.55 -21.82 13.15
C PRO A 47 -18.03 -22.03 11.71
N ALA A 48 -19.29 -21.70 11.44
CA ALA A 48 -19.85 -21.81 10.10
C ALA A 48 -20.48 -20.48 9.72
N LYS A 49 -20.73 -20.28 8.43
CA LYS A 49 -21.31 -19.04 7.93
C LYS A 49 -22.65 -18.71 8.59
N ILE A 50 -22.91 -17.42 8.77
CA ILE A 50 -24.15 -16.94 9.38
C ILE A 50 -25.04 -16.26 8.34
N ASP A 51 -26.36 -16.31 8.56
CA ASP A 51 -27.34 -15.84 7.56
C ASP A 51 -27.84 -14.43 7.86
N LEU A 52 -27.83 -14.07 9.14
CA LEU A 52 -28.04 -12.68 9.53
C LEU A 52 -26.83 -11.87 9.09
N LYS A 53 -26.96 -11.11 8.00
CA LYS A 53 -25.80 -10.40 7.48
C LYS A 53 -26.02 -8.93 7.11
N SER A 54 -24.96 -8.14 7.30
CA SER A 54 -25.00 -6.69 7.24
C SER A 54 -25.08 -6.08 5.83
N ALA A 55 -25.98 -6.63 5.02
CA ALA A 55 -26.25 -6.16 3.66
C ALA A 55 -27.10 -7.21 2.97
N PRO A 56 -27.80 -6.82 1.87
CA PRO A 56 -28.38 -7.87 1.03
C PRO A 56 -27.27 -8.50 0.19
N SER A 57 -27.45 -9.77 -0.15
CA SER A 57 -26.43 -10.56 -0.79
C SER A 57 -26.09 -10.06 -2.18
N LYS A 58 -27.00 -9.30 -2.77
CA LYS A 58 -26.90 -8.90 -4.17
C LYS A 58 -26.48 -7.42 -4.30
N LYS A 59 -25.87 -6.89 -3.24
CA LYS A 59 -25.41 -5.50 -3.18
C LYS A 59 -24.29 -5.18 -4.17
N ASN A 60 -23.34 -6.10 -4.32
CA ASN A 60 -22.16 -5.83 -5.15
C ASN A 60 -22.40 -5.84 -6.67
N ASP A 61 -23.66 -5.89 -7.06
CA ASP A 61 -24.04 -5.92 -8.47
C ASP A 61 -24.41 -4.49 -8.91
N TYR A 62 -24.55 -3.61 -7.93
CA TYR A 62 -24.61 -2.19 -8.15
C TYR A 62 -23.28 -1.58 -7.70
N VAL A 63 -22.22 -2.39 -7.67
CA VAL A 63 -20.91 -1.83 -7.30
C VAL A 63 -19.74 -2.02 -8.27
N ASN A 64 -18.96 -0.93 -8.32
CA ASN A 64 -17.96 -0.59 -9.34
C ASN A 64 -16.48 -0.85 -8.91
N GLU A 65 -16.24 -1.73 -7.96
CA GLU A 65 -14.91 -1.77 -7.35
C GLU A 65 -14.11 -3.10 -7.47
N LYS A 66 -12.77 -2.96 -7.36
CA LYS A 66 -11.80 -4.06 -7.42
C LYS A 66 -11.50 -4.65 -6.02
N ASP A 67 -10.88 -5.84 -5.99
CA ASP A 67 -10.50 -6.51 -4.76
C ASP A 67 -11.76 -6.84 -3.98
N GLU A 68 -12.79 -7.30 -4.69
CA GLU A 68 -14.02 -7.66 -4.02
C GLU A 68 -13.79 -8.87 -3.17
N ASP A 69 -12.76 -9.65 -3.48
CA ASP A 69 -12.57 -10.90 -2.76
C ASP A 69 -12.02 -10.72 -1.35
N ILE A 70 -11.68 -9.50 -0.95
CA ILE A 70 -11.24 -9.29 0.42
C ILE A 70 -12.26 -8.48 1.24
N GLU A 71 -13.39 -8.15 0.61
CA GLU A 71 -14.48 -7.45 1.29
C GLU A 71 -15.12 -8.33 2.37
N LEU A 72 -15.11 -9.63 2.13
CA LEU A 72 -15.73 -10.55 3.06
C LEU A 72 -14.78 -11.69 3.38
N LEU A 73 -13.99 -11.54 4.45
CA LEU A 73 -13.07 -12.58 4.85
C LEU A 73 -13.49 -13.21 6.15
N HIS A 74 -13.96 -14.45 6.06
CA HIS A 74 -14.42 -15.20 7.21
C HIS A 74 -13.72 -16.55 7.11
N VAL A 75 -12.65 -16.73 7.87
CA VAL A 75 -11.76 -17.87 7.65
C VAL A 75 -11.50 -18.71 8.88
N ARG A 76 -11.16 -19.97 8.63
CA ARG A 76 -10.59 -20.82 9.66
C ARG A 76 -9.12 -21.07 9.34
N ILE A 77 -8.24 -20.68 10.27
CA ILE A 77 -6.80 -20.84 10.05
C ILE A 77 -6.18 -21.81 11.05
N ILE A 78 -5.68 -22.92 10.51
CA ILE A 78 -4.94 -23.93 11.27
C ILE A 78 -3.44 -23.78 11.10
N SER A 79 -2.76 -23.35 12.16
CA SER A 79 -1.33 -23.07 12.11
C SER A 79 -0.70 -23.19 13.49
N ASN A 80 0.50 -23.76 13.56
CA ASN A 80 1.25 -23.79 14.83
C ASN A 80 1.89 -22.44 15.18
N SER A 81 1.81 -21.49 14.25
CA SER A 81 2.19 -20.10 14.54
C SER A 81 1.15 -19.42 15.45
N LEU A 82 -0.09 -19.90 15.40
CA LEU A 82 -1.16 -19.41 16.29
C LEU A 82 -1.25 -20.26 17.55
N ASP A 83 -1.67 -19.67 18.65
CA ASP A 83 -1.84 -20.44 19.90
C ASP A 83 -3.06 -21.36 19.75
N GLY A 84 -3.26 -22.29 20.68
CA GLY A 84 -4.38 -23.22 20.60
C GLY A 84 -5.77 -22.60 20.42
N ASP A 85 -6.02 -21.50 21.14
CA ASP A 85 -7.34 -20.86 21.11
C ASP A 85 -7.71 -20.19 19.79
N ALA A 86 -6.78 -19.41 19.27
CA ALA A 86 -6.97 -18.73 17.98
C ALA A 86 -7.07 -19.79 16.90
N ARG A 87 -6.25 -20.83 17.04
CA ARG A 87 -6.21 -21.92 16.07
C ARG A 87 -7.53 -22.69 16.01
N SER A 88 -8.27 -22.71 17.14
CA SER A 88 -9.53 -23.45 17.26
C SER A 88 -10.75 -22.71 16.67
N ARG A 89 -10.63 -21.40 16.53
CA ARG A 89 -11.72 -20.50 16.16
C ARG A 89 -11.64 -19.98 14.75
N ALA A 90 -12.79 -19.64 14.19
CA ALA A 90 -12.82 -18.93 12.93
C ALA A 90 -12.75 -17.42 13.19
N TRP A 91 -12.39 -16.67 12.14
CA TRP A 91 -12.12 -15.24 12.26
C TRP A 91 -12.74 -14.42 11.14
N TYR A 92 -13.20 -13.23 11.50
CA TYR A 92 -13.49 -12.18 10.55
C TYR A 92 -12.20 -11.39 10.39
N VAL A 93 -11.83 -11.09 9.15
CA VAL A 93 -10.54 -10.44 8.89
C VAL A 93 -10.69 -9.25 7.97
N GLY A 94 -10.01 -8.15 8.29
CA GLY A 94 -9.96 -7.01 7.38
C GLY A 94 -11.21 -6.17 7.39
N ALA A 95 -11.64 -5.74 6.21
CA ALA A 95 -12.80 -4.87 6.08
C ALA A 95 -14.02 -5.41 6.84
N TYR A 96 -14.30 -6.70 6.67
CA TYR A 96 -15.45 -7.32 7.32
C TYR A 96 -15.36 -7.27 8.85
N ALA A 97 -14.14 -7.28 9.38
CA ALA A 97 -13.94 -7.24 10.82
C ALA A 97 -14.20 -5.85 11.41
N LYS A 98 -14.08 -4.82 10.57
CA LYS A 98 -14.33 -3.43 10.98
C LYS A 98 -15.72 -3.26 11.57
N ASP A 99 -16.66 -4.06 11.07
CA ASP A 99 -18.06 -3.96 11.45
C ASP A 99 -18.43 -4.86 12.63
N GLN A 100 -17.45 -5.22 13.45
CA GLN A 100 -17.71 -6.03 14.64
C GLN A 100 -17.40 -5.24 15.90
N GLU A 101 -18.21 -5.40 16.94
CA GLU A 101 -18.00 -4.63 18.16
C GLU A 101 -16.82 -5.20 18.94
N ASP A 102 -16.62 -6.51 18.83
CA ASP A 102 -15.50 -7.15 19.50
C ASP A 102 -14.27 -7.26 18.60
N ARG A 103 -14.12 -6.33 17.66
CA ARG A 103 -12.95 -6.36 16.80
C ARG A 103 -11.67 -6.17 17.63
N GLN A 104 -10.57 -6.73 17.14
CA GLN A 104 -9.27 -6.54 17.77
C GLN A 104 -8.32 -5.85 16.80
N GLU A 105 -7.66 -4.80 17.29
CA GLU A 105 -6.74 -4.01 16.49
C GLU A 105 -5.41 -3.80 17.22
N PRO A 106 -4.34 -3.45 16.48
CA PRO A 106 -3.10 -3.16 17.20
C PRO A 106 -3.24 -1.90 18.07
N THR A 107 -2.70 -1.94 19.29
CA THR A 107 -2.67 -0.76 20.13
C THR A 107 -1.23 -0.38 20.48
N VAL A 108 -1.09 0.66 21.30
CA VAL A 108 0.21 1.27 21.59
C VAL A 108 0.31 1.77 23.04
N ASP A 109 1.09 1.09 23.88
CA ASP A 109 1.16 1.41 25.32
C ASP A 109 2.59 1.73 25.85
N GLU A 110 2.66 2.55 26.90
CA GLU A 110 1.47 3.14 27.51
C GLU A 110 1.47 4.67 27.45
N MET A 111 2.25 5.20 26.52
CA MET A 111 1.80 6.36 25.76
C MET A 111 1.92 5.88 24.31
N GLY A 112 2.49 6.66 23.40
CA GLY A 112 2.37 6.39 21.99
C GLY A 112 3.57 5.81 21.25
N LYS A 113 4.29 4.88 21.89
CA LYS A 113 5.40 4.20 21.23
C LYS A 113 5.03 2.76 20.92
N THR A 114 4.89 2.48 19.62
CA THR A 114 4.32 1.24 19.08
C THR A 114 4.78 -0.07 19.72
N GLU A 115 3.92 -1.08 19.69
CA GLU A 115 4.17 -2.35 20.37
C GLU A 115 4.92 -3.35 19.49
N ASP A 116 5.28 -4.48 20.11
CA ASP A 116 5.95 -5.58 19.42
C ASP A 116 4.95 -6.43 18.65
N LYS A 117 5.08 -6.50 17.33
CA LYS A 117 4.11 -7.18 16.48
C LYS A 117 3.94 -8.66 16.81
N PHE A 118 5.04 -9.34 17.11
CA PHE A 118 4.97 -10.80 17.20
C PHE A 118 5.20 -11.37 18.60
N SER A 119 4.92 -10.56 19.62
CA SER A 119 4.83 -11.05 21.00
C SER A 119 3.66 -12.02 21.10
N GLN A 120 3.60 -12.79 22.18
CA GLN A 120 2.54 -13.77 22.33
C GLN A 120 1.15 -13.13 22.40
N LYS A 121 1.07 -11.91 22.94
CA LYS A 121 -0.22 -11.23 23.03
C LYS A 121 -0.63 -10.59 21.71
N ASN A 122 0.34 -10.20 20.87
CA ASN A 122 0.06 -9.46 19.65
C ASN A 122 0.07 -10.29 18.36
N LYS A 123 0.75 -11.43 18.39
CA LYS A 123 1.10 -12.12 17.15
C LYS A 123 -0.11 -12.51 16.31
N LYS A 124 -1.21 -12.92 16.94
CA LYS A 124 -2.36 -13.35 16.16
C LYS A 124 -2.96 -12.17 15.36
N LEU A 125 -2.86 -10.94 15.88
CA LEU A 125 -3.32 -9.76 15.14
C LEU A 125 -2.66 -9.65 13.77
N HIS A 126 -1.41 -10.06 13.67
CA HIS A 126 -0.63 -9.87 12.46
C HIS A 126 -0.49 -11.14 11.64
N LEU A 127 -0.49 -12.30 12.29
CA LEU A 127 -0.41 -13.56 11.55
C LEU A 127 -1.68 -13.88 10.77
N ILE A 128 -2.83 -13.62 11.39
CA ILE A 128 -4.09 -13.96 10.73
C ILE A 128 -4.26 -13.17 9.41
N PRO A 129 -4.04 -11.85 9.41
CA PRO A 129 -4.12 -11.17 8.12
C PRO A 129 -3.01 -11.58 7.14
N LEU A 130 -1.82 -11.89 7.65
CA LEU A 130 -0.75 -12.34 6.76
C LEU A 130 -1.12 -13.65 6.07
N PHE A 131 -1.53 -14.66 6.84
CA PHE A 131 -1.89 -15.96 6.25
C PHE A 131 -3.09 -15.81 5.33
N THR A 132 -4.01 -14.96 5.72
CA THR A 132 -5.19 -14.71 4.90
C THR A 132 -4.79 -14.08 3.57
N SER A 133 -3.82 -13.17 3.60
CA SER A 133 -3.38 -12.53 2.36
C SER A 133 -2.75 -13.56 1.42
N MET A 134 -1.95 -14.46 1.99
CA MET A 134 -1.38 -15.58 1.23
C MET A 134 -2.46 -16.45 0.59
N ALA A 135 -3.51 -16.73 1.37
CA ALA A 135 -4.60 -17.60 0.91
C ALA A 135 -5.40 -16.97 -0.22
N VAL A 136 -5.63 -15.67 -0.12
CA VAL A 136 -6.36 -14.96 -1.17
C VAL A 136 -5.58 -14.96 -2.49
N ALA A 137 -4.28 -14.69 -2.42
CA ALA A 137 -3.44 -14.73 -3.62
C ALA A 137 -3.41 -16.12 -4.21
N ALA A 138 -3.34 -17.13 -3.35
CA ALA A 138 -3.27 -18.50 -3.82
C ALA A 138 -4.59 -18.84 -4.52
N ALA A 139 -5.70 -18.41 -3.92
CA ALA A 139 -7.02 -18.55 -4.53
C ALA A 139 -7.08 -17.85 -5.89
N ARG A 140 -6.57 -16.61 -5.97
CA ARG A 140 -6.58 -15.84 -7.22
C ARG A 140 -5.86 -16.53 -8.36
N ILE A 141 -4.81 -17.26 -8.06
CA ILE A 141 -4.04 -17.88 -9.11
C ILE A 141 -4.41 -19.36 -9.25
N GLY A 142 -5.52 -19.73 -8.63
CA GLY A 142 -6.10 -21.04 -8.82
C GLY A 142 -5.34 -22.23 -8.26
N LYS A 143 -4.67 -22.03 -7.12
CA LYS A 143 -3.85 -23.10 -6.54
C LYS A 143 -4.23 -23.35 -5.09
N GLU A 144 -4.57 -24.60 -4.77
CA GLU A 144 -5.03 -24.93 -3.43
C GLU A 144 -3.91 -25.48 -2.55
N GLU A 145 -2.77 -25.77 -3.16
CA GLU A 145 -1.56 -26.11 -2.41
C GLU A 145 -0.46 -25.22 -2.91
N VAL A 146 0.16 -24.47 -2.00
CA VAL A 146 1.29 -23.65 -2.40
C VAL A 146 2.43 -23.77 -1.42
N SER A 147 3.63 -23.95 -1.98
CA SER A 147 4.85 -23.67 -1.25
C SER A 147 5.05 -22.16 -1.31
N VAL A 148 5.29 -21.54 -0.16
CA VAL A 148 5.44 -20.09 -0.06
C VAL A 148 6.80 -19.71 0.53
N PRO A 149 7.80 -19.44 -0.33
CA PRO A 149 9.06 -18.94 0.22
C PRO A 149 8.87 -17.54 0.82
N PHE A 150 9.13 -17.39 2.11
CA PHE A 150 8.77 -16.15 2.78
C PHE A 150 9.79 -15.03 2.58
N SER A 151 9.36 -13.92 2.00
CA SER A 151 10.26 -12.78 1.93
C SER A 151 9.58 -11.62 2.63
N GLY A 152 10.07 -11.28 3.80
CA GLY A 152 9.53 -10.14 4.51
C GLY A 152 10.60 -9.18 4.96
N GLY A 153 10.26 -8.36 5.95
CA GLY A 153 11.22 -7.43 6.49
C GLY A 153 10.71 -6.85 7.78
N MET A 154 11.63 -6.46 8.65
CA MET A 154 11.24 -5.76 9.85
C MET A 154 12.15 -4.57 10.08
N PRO A 155 11.60 -3.52 10.71
CA PRO A 155 12.37 -2.32 11.07
C PRO A 155 13.50 -2.66 12.05
N ILE A 156 14.48 -1.77 12.14
CA ILE A 156 15.73 -2.04 12.86
C ILE A 156 15.58 -2.22 14.38
N GLU A 157 14.51 -1.68 14.95
CA GLU A 157 14.28 -1.78 16.40
C GLU A 157 14.08 -3.22 16.86
N ASP A 158 13.42 -4.02 16.02
CA ASP A 158 13.10 -5.40 16.39
C ASP A 158 14.32 -6.31 16.35
N TYR A 159 15.44 -5.75 15.90
CA TYR A 159 16.69 -6.51 15.88
C TYR A 159 17.33 -6.54 17.26
N LYS A 160 16.88 -5.65 18.14
CA LYS A 160 17.30 -5.65 19.53
C LYS A 160 16.45 -6.65 20.32
N LEU A 161 15.39 -7.14 19.68
CA LEU A 161 14.42 -8.01 20.34
C LEU A 161 14.43 -9.43 19.79
N ARG A 162 14.54 -9.55 18.48
CA ARG A 162 14.22 -10.82 17.82
C ARG A 162 15.41 -11.52 17.17
N GLY A 163 15.70 -11.13 15.94
CA GLY A 163 16.57 -11.91 15.07
C GLY A 163 15.77 -12.38 13.87
N GLU A 164 16.35 -12.28 12.67
CA GLU A 164 15.65 -12.64 11.45
C GLU A 164 15.20 -14.10 11.46
N GLU A 165 16.04 -14.96 12.02
CA GLU A 165 15.80 -16.39 11.93
C GLU A 165 14.69 -16.82 12.89
N GLN A 166 14.42 -15.97 13.88
CA GLN A 166 13.30 -16.18 14.80
C GLN A 166 11.95 -15.89 14.16
N ILE A 167 11.89 -14.82 13.37
CA ILE A 167 10.70 -14.51 12.60
C ILE A 167 10.41 -15.68 11.65
N LEU A 168 11.44 -16.11 10.94
CA LEU A 168 11.27 -17.17 9.96
C LEU A 168 10.87 -18.49 10.62
N GLU A 169 11.40 -18.75 11.81
CA GLU A 169 11.14 -20.01 12.55
C GLU A 169 9.70 -20.09 13.03
N MET A 170 9.17 -18.94 13.42
CA MET A 170 7.76 -18.79 13.73
C MET A 170 6.90 -19.23 12.54
N LEU A 171 7.34 -18.88 11.33
CA LEU A 171 6.55 -19.09 10.12
C LEU A 171 6.73 -20.44 9.42
N TYR A 172 7.86 -21.10 9.63
CA TYR A 172 8.12 -22.38 8.97
C TYR A 172 7.03 -23.38 9.31
N GLY A 173 6.71 -24.24 8.36
CA GLY A 173 5.72 -25.28 8.60
C GLY A 173 4.50 -25.20 7.71
N GLU A 174 3.48 -25.92 8.13
CA GLU A 174 2.27 -26.06 7.34
C GLU A 174 1.16 -25.24 7.96
N HIS A 175 0.34 -24.62 7.11
CA HIS A 175 -0.79 -23.80 7.56
C HIS A 175 -1.96 -23.98 6.60
N THR A 176 -3.16 -24.17 7.12
CA THR A 176 -4.32 -24.17 6.25
C THR A 176 -5.22 -22.98 6.52
N VAL A 177 -5.75 -22.42 5.43
CA VAL A 177 -6.75 -21.37 5.51
C VAL A 177 -8.01 -21.84 4.79
N GLU A 178 -9.11 -21.93 5.53
CA GLU A 178 -10.36 -22.35 4.92
C GLU A 178 -11.32 -21.17 4.87
N PHE A 179 -11.80 -20.86 3.68
CA PHE A 179 -12.74 -19.76 3.51
C PHE A 179 -14.17 -20.28 3.82
N LEU A 180 -14.85 -19.60 4.75
CA LEU A 180 -16.16 -20.05 5.20
C LEU A 180 -17.28 -19.21 4.57
N ASP A 181 -16.89 -18.15 3.86
CA ASP A 181 -17.83 -17.25 3.22
C ASP A 181 -17.13 -16.47 2.11
N GLY A 182 -17.88 -15.60 1.42
CA GLY A 182 -17.33 -14.75 0.39
C GLY A 182 -16.99 -15.49 -0.89
N THR A 183 -16.16 -14.85 -1.71
CA THR A 183 -15.81 -15.35 -3.03
C THR A 183 -15.26 -16.77 -3.08
N TYR A 184 -14.40 -17.15 -2.14
CA TYR A 184 -13.76 -18.46 -2.20
C TYR A 184 -14.38 -19.49 -1.23
N GLU A 185 -15.63 -19.27 -0.84
CA GLU A 185 -16.29 -20.15 0.13
C GLU A 185 -16.15 -21.62 -0.23
N GLY A 186 -15.70 -22.42 0.73
CA GLY A 186 -15.54 -23.85 0.53
C GLY A 186 -14.12 -24.21 0.20
N LYS A 187 -13.33 -23.25 -0.24
CA LYS A 187 -11.95 -23.52 -0.60
C LYS A 187 -11.05 -23.56 0.62
N LYS A 188 -10.14 -24.53 0.63
CA LYS A 188 -9.16 -24.68 1.69
C LYS A 188 -7.76 -24.62 1.09
N ILE A 189 -6.96 -23.62 1.48
CA ILE A 189 -5.62 -23.49 0.89
C ILE A 189 -4.56 -24.04 1.84
N LYS A 190 -3.73 -24.93 1.33
CA LYS A 190 -2.65 -25.50 2.11
C LYS A 190 -1.33 -24.78 1.82
N ILE A 191 -0.78 -24.16 2.85
CA ILE A 191 0.40 -23.31 2.70
C ILE A 191 1.59 -23.97 3.38
N THR A 192 2.65 -24.20 2.62
CA THR A 192 3.87 -24.71 3.21
C THR A 192 5.00 -23.71 3.07
N ILE A 193 5.59 -23.33 4.19
CA ILE A 193 6.73 -22.45 4.18
C ILE A 193 7.95 -23.24 4.64
N ASN A 194 8.92 -23.39 3.75
CA ASN A 194 10.11 -24.19 4.01
C ASN A 194 11.37 -23.37 4.21
N ASP A 195 11.36 -22.15 3.67
CA ASP A 195 12.51 -21.27 3.71
C ASP A 195 12.05 -19.84 3.48
N GLY A 196 12.96 -18.91 3.65
CA GLY A 196 12.63 -17.52 3.47
C GLY A 196 13.82 -16.59 3.56
N THR A 197 13.54 -15.29 3.44
CA THR A 197 14.56 -14.25 3.53
C THR A 197 13.97 -13.04 4.25
N MET A 198 14.78 -12.34 5.02
CA MET A 198 14.30 -11.10 5.64
C MET A 198 15.10 -9.94 5.07
N ASN A 199 14.42 -8.84 4.83
CA ASN A 199 15.06 -7.72 4.16
C ASN A 199 15.07 -6.51 5.08
N VAL A 200 15.86 -5.51 4.70
CA VAL A 200 15.94 -4.26 5.43
C VAL A 200 14.75 -3.38 5.11
N GLU A 201 13.79 -3.26 6.02
CA GLU A 201 12.63 -2.40 5.76
C GLU A 201 13.14 -0.98 5.60
N GLY A 202 12.54 -0.23 4.67
CA GLY A 202 13.01 1.12 4.41
C GLY A 202 13.90 1.20 3.19
N VAL A 203 15.19 0.93 3.35
CA VAL A 203 16.09 1.11 2.21
C VAL A 203 15.88 0.03 1.13
N SER A 204 15.18 -1.05 1.48
CA SER A 204 14.81 -2.07 0.48
C SER A 204 13.97 -1.47 -0.64
N SER A 205 13.24 -0.42 -0.31
CA SER A 205 12.29 0.17 -1.23
C SER A 205 12.96 0.67 -2.51
N VAL A 206 14.27 0.84 -2.43
CA VAL A 206 15.12 1.14 -3.57
C VAL A 206 14.94 0.11 -4.69
N LEU A 207 14.83 -1.17 -4.32
CA LEU A 207 14.63 -2.20 -5.32
C LEU A 207 13.38 -1.95 -6.17
N ALA A 208 12.30 -1.50 -5.53
CA ALA A 208 11.03 -1.33 -6.24
C ALA A 208 11.03 -0.08 -7.10
N ILE A 209 11.97 0.82 -6.82
CA ILE A 209 12.14 1.99 -7.68
C ILE A 209 12.98 1.62 -8.89
N LEU A 210 14.00 0.79 -8.65
CA LEU A 210 14.92 0.40 -9.72
C LEU A 210 14.39 -0.69 -10.64
N PHE A 211 13.59 -1.62 -10.10
CA PHE A 211 13.17 -2.77 -10.90
C PHE A 211 11.67 -3.01 -10.90
N ASP A 212 11.17 -3.61 -11.96
CA ASP A 212 9.78 -4.06 -12.06
C ASP A 212 9.80 -5.51 -12.55
N ILE A 213 8.68 -6.23 -12.42
CA ILE A 213 8.57 -7.57 -12.99
C ILE A 213 7.37 -7.58 -13.94
N VAL A 214 7.64 -7.80 -15.22
CA VAL A 214 6.57 -7.76 -16.22
C VAL A 214 6.56 -9.04 -17.03
N ASN A 215 5.46 -9.79 -16.93
CA ASN A 215 5.31 -11.06 -17.63
C ASN A 215 6.50 -11.96 -17.37
N GLY A 216 6.83 -12.16 -16.09
CA GLY A 216 7.93 -13.01 -15.70
C GLY A 216 9.34 -12.43 -15.82
N GLU A 217 9.49 -11.25 -16.40
CA GLU A 217 10.83 -10.70 -16.60
C GLU A 217 11.15 -9.55 -15.65
N ILE A 218 12.31 -9.64 -15.00
CA ILE A 218 12.85 -8.48 -14.30
C ILE A 218 13.34 -7.46 -15.32
N VAL A 219 12.80 -6.25 -15.24
CA VAL A 219 13.22 -5.18 -16.14
C VAL A 219 13.67 -3.96 -15.34
N GLU A 220 14.66 -3.25 -15.87
CA GLU A 220 15.19 -2.07 -15.22
C GLU A 220 14.32 -0.87 -15.53
N VAL A 221 13.68 -0.34 -14.50
CA VAL A 221 12.87 0.86 -14.62
C VAL A 221 13.79 2.02 -14.92
N GLU A 222 13.45 2.79 -15.95
CA GLU A 222 14.24 3.96 -16.30
C GLU A 222 13.91 5.09 -15.35
N GLY A 223 14.93 5.75 -14.82
CA GLY A 223 14.72 6.84 -13.89
C GLY A 223 15.88 7.08 -12.95
N MET A 224 16.36 6.03 -12.32
CA MET A 224 17.47 6.17 -11.38
C MET A 224 18.67 5.34 -11.79
N ASP A 225 19.82 5.99 -11.90
CA ASP A 225 21.07 5.31 -12.22
C ASP A 225 21.85 5.05 -10.94
N ALA A 226 21.69 3.84 -10.41
CA ALA A 226 22.18 3.49 -9.08
C ALA A 226 23.63 3.06 -9.08
N GLU A 227 24.42 3.65 -8.18
CA GLU A 227 25.75 3.15 -7.88
C GLU A 227 25.72 2.54 -6.49
N ILE A 228 26.39 1.40 -6.33
CA ILE A 228 26.39 0.69 -5.07
C ILE A 228 27.04 1.52 -3.94
N GLY A 229 26.40 1.51 -2.77
CA GLY A 229 26.94 2.15 -1.58
C GLY A 229 26.62 3.62 -1.45
N GLU A 230 25.84 4.14 -2.40
CA GLU A 230 25.44 5.53 -2.35
C GLU A 230 24.34 5.73 -1.30
N SER A 231 24.22 6.96 -0.80
CA SER A 231 23.20 7.27 0.17
C SER A 231 21.91 7.72 -0.52
N TYR A 232 20.79 7.43 0.14
CA TYR A 232 19.47 7.71 -0.38
C TYR A 232 18.67 8.53 0.61
N ALA A 233 18.09 9.63 0.17
CA ALA A 233 17.01 10.20 0.95
C ALA A 233 15.71 9.70 0.35
N ILE A 234 14.85 9.13 1.16
CA ILE A 234 13.52 8.76 0.70
C ILE A 234 12.48 9.60 1.43
N ASN A 235 11.81 10.45 0.67
CA ASN A 235 10.81 11.31 1.23
C ASN A 235 9.41 10.81 0.87
N ASP A 236 8.69 10.35 1.89
CA ASP A 236 7.36 9.80 1.73
C ASP A 236 6.32 10.91 1.95
N LEU A 237 5.70 11.36 0.85
CA LEU A 237 4.75 12.49 0.91
C LEU A 237 3.31 12.00 1.07
N GLY A 238 2.75 12.20 2.27
CA GLY A 238 1.43 11.66 2.57
C GLY A 238 0.33 12.71 2.69
N ALA A 239 -0.85 12.30 3.17
CA ALA A 239 -2.00 13.18 3.23
C ALA A 239 -1.88 14.20 4.37
N GLY A 240 -1.37 13.75 5.51
CA GLY A 240 -1.28 14.60 6.70
C GLY A 240 0.15 14.86 7.13
N THR A 241 1.09 14.09 6.61
CA THR A 241 2.48 14.21 7.03
C THR A 241 3.41 13.93 5.87
N SER A 242 4.67 14.36 6.04
CA SER A 242 5.75 13.97 5.15
C SER A 242 6.84 13.32 5.99
N ASP A 243 7.36 12.18 5.51
CA ASP A 243 8.44 11.48 6.22
C ASP A 243 9.77 11.61 5.46
N ASN A 244 10.74 12.31 6.04
CA ASN A 244 12.02 12.48 5.36
C ASN A 244 13.05 11.52 5.95
N ALA A 245 13.25 10.39 5.27
CA ALA A 245 14.16 9.34 5.74
C ALA A 245 15.50 9.42 5.02
N PHE A 246 16.59 9.26 5.77
CA PHE A 246 17.91 9.23 5.16
C PHE A 246 18.62 7.93 5.46
N PHE A 247 19.05 7.24 4.41
CA PHE A 247 19.72 5.95 4.54
C PHE A 247 21.17 6.05 4.07
N GLU A 248 22.08 5.64 4.95
CA GLU A 248 23.51 5.70 4.67
C GLU A 248 24.09 4.34 5.00
N ASP A 249 24.84 3.77 4.05
CA ASP A 249 25.46 2.46 4.25
C ASP A 249 24.42 1.42 4.65
N GLY A 250 23.24 1.50 4.04
CA GLY A 250 22.19 0.52 4.27
C GLY A 250 21.49 0.59 5.61
N GLU A 251 21.65 1.71 6.30
CA GLU A 251 20.98 1.93 7.58
C GLU A 251 20.27 3.27 7.62
N LEU A 252 19.13 3.31 8.30
CA LEU A 252 18.45 4.56 8.55
C LEU A 252 19.25 5.44 9.52
N ASN A 253 19.52 6.68 9.14
CA ASN A 253 20.12 7.67 10.04
C ASN A 253 19.03 8.36 10.89
N LYS A 254 18.91 7.98 12.15
CA LYS A 254 17.83 8.49 12.99
C LYS A 254 17.97 9.97 13.32
N LYS A 255 19.21 10.43 13.47
CA LYS A 255 19.48 11.83 13.81
C LYS A 255 18.97 12.81 12.74
N LEU A 256 19.35 12.55 11.49
CA LEU A 256 18.99 13.41 10.38
C LEU A 256 17.55 13.20 9.92
N SER A 257 17.10 11.95 9.94
CA SER A 257 15.75 11.64 9.51
C SER A 257 14.72 12.27 10.45
N THR A 258 13.58 12.61 9.87
CA THR A 258 12.55 13.31 10.63
C THR A 258 11.22 13.22 9.90
N ASN A 259 10.18 13.82 10.47
CA ASN A 259 8.87 13.81 9.85
C ASN A 259 8.14 15.08 10.19
N THR A 260 7.34 15.59 9.26
CA THR A 260 6.65 16.86 9.49
C THR A 260 5.16 16.79 9.21
N ASP A 261 4.47 17.90 9.48
CA ASP A 261 3.03 17.99 9.23
C ASP A 261 2.71 18.54 7.84
N LEU A 262 3.68 18.52 6.94
CA LEU A 262 3.44 18.97 5.57
C LEU A 262 2.69 17.89 4.77
N GLY A 263 1.37 18.04 4.63
CA GLY A 263 0.52 17.05 4.00
C GLY A 263 -0.21 17.64 2.81
N THR A 264 -0.90 16.80 2.04
CA THR A 264 -1.76 17.33 0.97
C THR A 264 -3.13 17.81 1.46
N ASN A 265 -3.53 17.35 2.65
CA ASN A 265 -4.85 17.61 3.19
C ASN A 265 -5.29 19.07 3.10
N LYS A 266 -4.50 19.97 3.69
CA LYS A 266 -4.91 21.37 3.70
C LYS A 266 -4.98 21.98 2.30
N TYR A 267 -4.17 21.49 1.36
CA TYR A 267 -4.15 22.03 -0.01
C TYR A 267 -5.39 21.60 -0.77
N ILE A 268 -5.76 20.34 -0.57
CA ILE A 268 -6.96 19.78 -1.16
C ILE A 268 -8.22 20.45 -0.59
N ASP A 269 -8.22 20.69 0.72
CA ASP A 269 -9.38 21.33 1.33
C ASP A 269 -9.63 22.68 0.72
N GLU A 270 -8.54 23.43 0.51
CA GLU A 270 -8.65 24.76 -0.08
C GLU A 270 -9.17 24.69 -1.50
N ILE A 271 -8.66 23.73 -2.26
CA ILE A 271 -9.15 23.48 -3.62
C ILE A 271 -10.66 23.16 -3.61
N LEU A 272 -11.07 22.25 -2.73
CA LEU A 272 -12.49 21.88 -2.68
C LEU A 272 -13.36 23.09 -2.38
N LYS A 273 -12.89 23.95 -1.47
CA LYS A 273 -13.63 25.16 -1.15
C LYS A 273 -13.79 26.08 -2.36
N ASN A 274 -12.68 26.34 -3.05
CA ASN A 274 -12.66 27.16 -4.26
C ASN A 274 -13.49 26.56 -5.39
N ILE A 275 -13.50 25.23 -5.51
CA ILE A 275 -14.33 24.57 -6.51
C ILE A 275 -15.82 24.86 -6.28
N LYS A 276 -16.25 24.75 -5.04
CA LYS A 276 -17.63 25.08 -4.72
C LYS A 276 -17.92 26.55 -5.02
N GLU A 277 -16.99 27.40 -4.61
CA GLU A 277 -17.15 28.84 -4.79
C GLU A 277 -17.39 29.15 -6.26
N ARG A 278 -16.69 28.43 -7.14
CA ARG A 278 -16.83 28.66 -8.56
C ARG A 278 -18.14 28.14 -9.16
N PHE A 279 -18.59 26.97 -8.73
CA PHE A 279 -19.90 26.50 -9.14
C PHE A 279 -20.97 27.50 -8.70
N MET A 280 -20.81 28.12 -7.54
CA MET A 280 -21.80 29.07 -7.07
C MET A 280 -21.74 30.40 -7.82
N GLU A 281 -20.86 30.51 -8.82
CA GLU A 281 -20.91 31.65 -9.74
C GLU A 281 -21.83 31.31 -10.91
N ASN A 282 -22.02 30.02 -11.15
CA ASN A 282 -22.91 29.53 -12.19
C ASN A 282 -24.38 29.81 -11.86
N GLU A 283 -25.15 30.25 -12.85
CA GLU A 283 -26.50 30.72 -12.59
C GLU A 283 -27.47 29.58 -12.24
N ILE A 284 -27.24 28.39 -12.79
CA ILE A 284 -28.04 27.22 -12.45
C ILE A 284 -27.90 26.89 -10.95
N LEU A 285 -26.67 26.95 -10.45
CA LEU A 285 -26.41 26.70 -9.03
C LEU A 285 -27.03 27.78 -8.16
N LYS A 286 -26.93 29.03 -8.61
CA LYS A 286 -27.58 30.13 -7.93
C LYS A 286 -29.09 29.86 -7.80
N SER A 287 -29.71 29.39 -8.88
CA SER A 287 -31.15 29.14 -8.87
C SER A 287 -31.53 28.08 -7.85
N PHE A 288 -30.72 27.03 -7.75
CA PHE A 288 -31.17 25.88 -7.00
C PHE A 288 -30.39 25.56 -5.72
N MET A 289 -29.21 26.15 -5.53
CA MET A 289 -28.43 25.82 -4.34
C MET A 289 -27.86 27.01 -3.58
N THR A 290 -28.50 28.16 -3.68
CA THR A 290 -28.02 29.31 -2.92
C THR A 290 -28.20 29.00 -1.43
N ASP A 291 -27.16 29.26 -0.64
CA ASP A 291 -27.20 29.10 0.81
C ASP A 291 -27.38 27.65 1.23
N GLU A 292 -26.69 26.75 0.54
CA GLU A 292 -26.73 25.34 0.89
C GLU A 292 -25.33 24.76 1.16
N ILE A 293 -25.28 23.75 2.02
CA ILE A 293 -23.99 23.22 2.49
C ILE A 293 -23.31 22.25 1.54
N GLU A 294 -24.08 21.58 0.68
CA GLU A 294 -23.53 20.47 -0.10
C GLU A 294 -22.49 20.93 -1.13
N SER A 295 -21.79 19.97 -1.71
CA SER A 295 -20.63 20.26 -2.56
C SER A 295 -20.36 19.06 -3.48
N PRO A 296 -19.62 19.28 -4.58
CA PRO A 296 -19.56 18.19 -5.56
C PRO A 296 -18.73 16.96 -5.19
N PHE A 297 -17.91 17.01 -4.13
CA PHE A 297 -17.11 15.84 -3.73
C PHE A 297 -17.39 15.44 -2.29
N LYS A 298 -17.31 14.14 -2.02
CA LYS A 298 -17.62 13.57 -0.71
C LYS A 298 -16.48 13.74 0.29
N THR A 299 -15.28 13.41 -0.16
CA THR A 299 -14.10 13.33 0.69
C THR A 299 -12.91 13.77 -0.15
N ARG A 300 -11.74 13.91 0.49
CA ARG A 300 -10.52 14.22 -0.24
C ARG A 300 -10.17 13.07 -1.18
N GLU A 301 -10.51 11.87 -0.74
CA GLU A 301 -10.15 10.65 -1.48
C GLU A 301 -10.99 10.56 -2.74
N ASP A 302 -12.26 10.91 -2.62
CA ASP A 302 -13.17 11.02 -3.76
C ASP A 302 -12.64 12.01 -4.84
N PHE A 303 -12.23 13.18 -4.38
CA PHE A 303 -11.62 14.17 -5.26
C PHE A 303 -10.31 13.64 -5.91
N ILE A 304 -9.45 12.98 -5.13
CA ILE A 304 -8.24 12.39 -5.70
C ILE A 304 -8.58 11.32 -6.76
N GLN A 305 -9.43 10.36 -6.39
CA GLN A 305 -9.69 9.23 -7.29
C GLN A 305 -10.45 9.63 -8.55
N ARG A 306 -11.48 10.47 -8.42
CA ARG A 306 -12.33 10.81 -9.57
C ARG A 306 -11.79 11.94 -10.45
N LEU A 307 -11.31 13.02 -9.83
CA LEU A 307 -10.87 14.18 -10.59
C LEU A 307 -9.38 14.17 -10.92
N VAL A 308 -8.53 13.98 -9.91
CA VAL A 308 -7.09 14.20 -10.09
C VAL A 308 -6.36 13.07 -10.81
N MET A 309 -6.58 11.83 -10.35
CA MET A 309 -5.78 10.68 -10.80
C MET A 309 -5.84 10.43 -12.32
N PRO A 310 -7.04 10.49 -12.94
CA PRO A 310 -7.04 10.29 -14.39
C PRO A 310 -6.14 11.27 -15.14
N GLU A 311 -6.14 12.53 -14.74
CA GLU A 311 -5.30 13.52 -15.41
C GLU A 311 -3.80 13.30 -15.14
N VAL A 312 -3.42 13.08 -13.89
CA VAL A 312 -2.02 12.82 -13.55
C VAL A 312 -1.45 11.60 -14.30
N GLU A 313 -2.27 10.58 -14.50
CA GLU A 313 -1.83 9.40 -15.26
C GLU A 313 -1.42 9.79 -16.65
N LYS A 314 -2.23 10.64 -17.28
CA LYS A 314 -1.95 11.15 -18.62
C LYS A 314 -0.69 12.00 -18.62
N MET A 315 -0.50 12.78 -17.57
CA MET A 315 0.70 13.60 -17.45
C MET A 315 1.93 12.71 -17.32
N ILE A 316 1.83 11.67 -16.51
CA ILE A 316 2.96 10.74 -16.31
C ILE A 316 3.33 10.01 -17.60
N GLU A 317 2.34 9.71 -18.43
CA GLU A 317 2.57 9.07 -19.72
C GLU A 317 3.22 9.99 -20.76
N ASP A 318 3.07 11.29 -20.57
CA ASP A 318 3.34 12.22 -21.66
C ASP A 318 3.62 13.60 -21.12
N ASP A 319 4.92 13.95 -21.07
CA ASP A 319 5.39 15.21 -20.52
C ASP A 319 4.79 16.45 -21.19
N THR A 320 4.28 16.30 -22.41
CA THR A 320 3.75 17.47 -23.12
C THR A 320 2.25 17.62 -22.90
N TYR A 321 1.63 16.64 -22.26
CA TYR A 321 0.18 16.68 -22.07
C TYR A 321 -0.22 17.82 -21.13
N LYS A 322 -1.21 18.60 -21.55
CA LYS A 322 -1.71 19.71 -20.74
C LYS A 322 -3.03 19.28 -20.12
N PRO A 323 -3.07 19.23 -18.78
CA PRO A 323 -4.25 18.66 -18.12
C PRO A 323 -5.49 19.56 -18.11
N THR A 324 -6.65 18.94 -18.05
CA THR A 324 -7.90 19.66 -17.82
C THR A 324 -8.63 19.00 -16.67
N PHE A 325 -8.94 19.77 -15.63
CA PHE A 325 -9.75 19.24 -14.54
C PHE A 325 -11.18 19.77 -14.66
N SER A 326 -12.08 18.88 -15.04
CA SER A 326 -13.47 19.23 -15.27
C SER A 326 -14.35 18.49 -14.29
N VAL A 327 -15.09 19.24 -13.49
CA VAL A 327 -15.96 18.67 -12.47
C VAL A 327 -17.41 18.67 -12.94
N LYS A 328 -18.11 17.56 -12.75
CA LYS A 328 -19.54 17.54 -13.01
C LYS A 328 -20.27 17.46 -11.69
N TRP A 329 -21.12 18.45 -11.43
CA TRP A 329 -21.96 18.49 -10.24
C TRP A 329 -23.42 18.40 -10.72
N GLY A 330 -24.01 17.23 -10.55
CA GLY A 330 -25.28 16.95 -11.20
C GLY A 330 -25.04 17.12 -12.69
N PRO A 331 -25.94 17.83 -13.39
CA PRO A 331 -25.81 18.00 -14.84
C PRO A 331 -24.88 19.13 -15.26
N VAL A 332 -24.32 19.86 -14.30
CA VAL A 332 -23.49 21.01 -14.64
C VAL A 332 -22.01 20.65 -14.63
N LYS A 333 -21.30 21.09 -15.67
CA LYS A 333 -19.85 20.88 -15.72
C LYS A 333 -19.12 22.22 -15.63
N GLU A 334 -18.04 22.26 -14.85
CA GLU A 334 -17.21 23.45 -14.74
C GLU A 334 -15.74 23.08 -14.94
N ASN A 335 -15.07 23.90 -15.74
CA ASN A 335 -13.62 23.78 -15.88
C ASN A 335 -12.95 24.46 -14.69
N VAL A 336 -12.29 23.66 -13.85
CA VAL A 336 -11.67 24.17 -12.64
C VAL A 336 -10.17 23.95 -12.63
N THR A 337 -9.61 23.82 -13.83
CA THR A 337 -8.18 23.55 -14.02
C THR A 337 -7.30 24.55 -13.25
N ASP A 338 -7.64 25.84 -13.37
CA ASP A 338 -6.93 26.90 -12.64
C ASP A 338 -6.95 26.69 -11.12
N ILE A 339 -8.10 26.32 -10.58
CA ILE A 339 -8.23 26.13 -9.13
C ILE A 339 -7.40 24.94 -8.64
N VAL A 340 -7.46 23.83 -9.36
CA VAL A 340 -6.74 22.63 -8.97
C VAL A 340 -5.24 22.83 -9.16
N MET A 341 -4.84 23.31 -10.34
CA MET A 341 -3.40 23.54 -10.62
C MET A 341 -2.78 24.51 -9.61
N ASP A 342 -3.53 25.52 -9.17
CA ASP A 342 -3.07 26.46 -8.14
C ASP A 342 -2.68 25.78 -6.82
N GLY A 343 -3.55 24.90 -6.35
CA GLY A 343 -3.31 24.16 -5.13
C GLY A 343 -2.19 23.14 -5.32
N MET A 344 -2.17 22.46 -6.47
CA MET A 344 -1.08 21.52 -6.79
C MET A 344 0.31 22.20 -6.76
N LEU A 345 0.41 23.39 -7.35
CA LEU A 345 1.72 24.01 -7.50
C LEU A 345 2.14 24.71 -6.21
N LYS A 346 1.16 25.23 -5.47
CA LYS A 346 1.42 25.77 -4.14
C LYS A 346 2.01 24.66 -3.24
N TYR A 347 1.40 23.48 -3.30
CA TYR A 347 1.90 22.32 -2.58
C TYR A 347 3.29 21.91 -3.08
N ALA A 348 3.47 21.88 -4.40
CA ALA A 348 4.77 21.54 -4.99
C ALA A 348 5.90 22.47 -4.51
N GLU A 349 5.61 23.75 -4.48
CA GLU A 349 6.58 24.76 -4.06
C GLU A 349 6.93 24.59 -2.57
N ASP A 350 5.93 24.35 -1.74
CA ASP A 350 6.21 24.13 -0.32
C ASP A 350 7.02 22.84 -0.11
N GLN A 351 6.68 21.79 -0.84
CA GLN A 351 7.49 20.59 -0.80
C GLN A 351 8.89 20.83 -1.34
N LYS A 352 9.00 21.65 -2.38
CA LYS A 352 10.32 21.95 -2.95
C LYS A 352 11.27 22.49 -1.89
N ALA A 353 10.81 23.51 -1.17
CA ALA A 353 11.61 24.11 -0.11
C ALA A 353 12.02 23.08 0.94
N SER A 354 11.10 22.19 1.29
CA SER A 354 11.37 21.15 2.28
C SER A 354 12.40 20.11 1.78
N LEU A 355 12.17 19.64 0.56
CA LEU A 355 13.00 18.61 -0.06
C LEU A 355 14.42 19.10 -0.37
N MET A 356 14.52 20.35 -0.79
CA MET A 356 15.86 20.91 -1.08
C MET A 356 16.64 21.09 0.22
N LYS A 357 15.97 21.57 1.27
CA LYS A 357 16.62 21.70 2.55
C LYS A 357 17.11 20.32 3.10
N PHE A 358 16.28 19.29 2.95
CA PHE A 358 16.66 17.98 3.44
C PHE A 358 17.83 17.43 2.63
N TRP A 359 17.85 17.74 1.35
CA TRP A 359 18.94 17.31 0.49
C TRP A 359 20.26 17.90 0.98
N PHE A 360 20.27 19.19 1.35
CA PHE A 360 21.50 19.81 1.80
C PHE A 360 21.86 19.34 3.21
N LYS A 361 20.86 19.11 4.05
CA LYS A 361 21.16 18.65 5.42
C LYS A 361 21.79 17.26 5.42
N THR A 362 21.37 16.40 4.51
CA THR A 362 21.90 15.04 4.44
C THR A 362 23.06 14.88 3.45
N ASN A 363 23.13 15.77 2.47
CA ASN A 363 23.96 15.57 1.28
C ASN A 363 23.79 14.17 0.67
N ALA A 364 22.55 13.71 0.59
CA ALA A 364 22.22 12.41 0.00
C ALA A 364 22.65 12.36 -1.47
N ASP A 365 23.04 11.19 -1.94
CA ASP A 365 23.49 11.03 -3.32
C ASP A 365 22.30 11.07 -4.24
N LYS A 366 21.23 10.41 -3.79
CA LYS A 366 19.97 10.42 -4.51
C LYS A 366 18.89 11.01 -3.61
N ASN A 367 18.09 11.92 -4.15
CA ASN A 367 16.95 12.42 -3.38
C ASN A 367 15.65 11.92 -4.01
N ILE A 368 14.96 11.02 -3.30
CA ILE A 368 13.81 10.31 -3.86
C ILE A 368 12.48 10.74 -3.22
N VAL A 369 11.42 10.89 -4.04
CA VAL A 369 10.09 11.14 -3.51
C VAL A 369 9.18 9.96 -3.81
N VAL A 370 8.34 9.62 -2.83
CA VAL A 370 7.34 8.57 -2.99
C VAL A 370 6.12 9.03 -2.25
N GLY A 371 5.00 8.33 -2.43
CA GLY A 371 3.80 8.63 -1.67
C GLY A 371 2.76 9.31 -2.54
N GLY A 372 1.51 9.36 -2.07
CA GLY A 372 0.41 9.99 -2.78
C GLY A 372 0.62 11.48 -3.05
N GLY A 373 1.42 12.13 -2.22
CA GLY A 373 1.75 13.53 -2.41
C GLY A 373 2.48 13.81 -3.72
N VAL A 374 3.26 12.84 -4.18
CA VAL A 374 3.96 13.00 -5.46
C VAL A 374 2.95 13.06 -6.60
N LEU A 375 1.88 12.29 -6.47
CA LEU A 375 0.81 12.24 -7.45
C LEU A 375 0.03 13.55 -7.46
N PHE A 376 -0.32 14.04 -6.28
CA PHE A 376 -1.02 15.32 -6.17
C PHE A 376 -0.16 16.48 -6.70
N GLY A 377 1.12 16.48 -6.31
CA GLY A 377 2.04 17.55 -6.63
C GLY A 377 2.87 17.34 -7.88
N TYR A 378 2.52 16.31 -8.65
CA TYR A 378 3.30 15.91 -9.83
C TYR A 378 3.57 17.08 -10.80
N ALA A 379 2.58 17.92 -11.08
CA ALA A 379 2.75 18.97 -12.09
C ALA A 379 3.93 19.88 -11.78
N GLY A 380 4.16 20.13 -10.49
CA GLY A 380 5.31 20.92 -10.08
C GLY A 380 6.55 20.10 -9.73
N LEU A 381 6.35 19.03 -8.97
CA LEU A 381 7.49 18.23 -8.49
C LEU A 381 8.34 17.70 -9.64
N ARG A 382 7.73 17.39 -10.77
CA ARG A 382 8.52 16.84 -11.88
C ARG A 382 9.61 17.80 -12.38
N ASP A 383 9.44 19.10 -12.13
CA ASP A 383 10.49 20.09 -12.40
C ASP A 383 11.79 19.78 -11.65
N LEU A 384 11.71 19.19 -10.46
CA LEU A 384 12.92 18.91 -9.68
C LEU A 384 13.78 17.84 -10.34
N LYS A 385 13.22 17.11 -11.29
CA LYS A 385 14.00 16.13 -12.03
C LYS A 385 15.19 16.74 -12.75
N GLU A 386 15.18 18.06 -12.92
CA GLU A 386 16.32 18.74 -13.51
C GLU A 386 17.52 18.73 -12.57
N GLN A 387 17.26 18.62 -11.27
CA GLN A 387 18.34 18.45 -10.30
C GLN A 387 18.96 17.07 -10.47
N ASP A 388 20.26 16.97 -10.66
CA ASP A 388 20.84 15.63 -10.80
C ASP A 388 20.87 14.93 -9.44
N GLY A 389 20.41 13.68 -9.42
CA GLY A 389 20.31 12.97 -8.16
C GLY A 389 18.87 12.96 -7.63
N PHE A 390 18.00 13.80 -8.18
CA PHE A 390 16.58 13.80 -7.79
C PHE A 390 15.78 12.77 -8.56
N ILE A 391 15.08 11.92 -7.82
CA ILE A 391 14.35 10.82 -8.45
C ILE A 391 12.87 10.89 -8.17
N LEU A 392 12.08 11.01 -9.23
CA LEU A 392 10.64 10.87 -9.16
C LEU A 392 10.35 9.59 -9.91
N PRO A 393 10.10 8.48 -9.18
CA PRO A 393 10.01 7.15 -9.79
C PRO A 393 8.94 7.05 -10.85
N LYS A 394 9.26 6.41 -11.98
CA LYS A 394 8.31 6.27 -13.09
C LYS A 394 7.03 5.57 -12.64
N ASN A 395 7.19 4.58 -11.77
CA ASN A 395 6.10 3.78 -11.22
C ASN A 395 5.57 4.28 -9.87
N ILE A 396 5.66 5.60 -9.67
CA ILE A 396 5.17 6.29 -8.48
C ILE A 396 3.74 5.87 -8.10
N GLN A 397 2.94 5.50 -9.10
CA GLN A 397 1.57 5.06 -8.85
C GLN A 397 1.53 3.83 -7.94
N GLU A 398 2.64 3.07 -7.90
CA GLU A 398 2.69 1.85 -7.09
C GLU A 398 3.34 2.08 -5.73
N SER A 399 3.42 3.35 -5.31
CA SER A 399 4.09 3.76 -4.06
C SER A 399 3.65 3.01 -2.81
N ALA A 400 2.35 2.81 -2.68
CA ALA A 400 1.80 2.14 -1.51
C ALA A 400 2.40 0.74 -1.30
N TYR A 401 2.88 0.13 -2.38
CA TYR A 401 3.36 -1.25 -2.33
C TYR A 401 4.87 -1.39 -2.62
N PHE A 402 5.62 -0.29 -2.48
CA PHE A 402 7.05 -0.33 -2.78
C PHE A 402 7.78 -1.29 -1.83
N THR A 403 7.29 -1.39 -0.60
CA THR A 403 7.90 -2.29 0.37
C THR A 403 7.63 -3.76 -0.01
N SER A 404 6.37 -4.10 -0.25
CA SER A 404 6.03 -5.48 -0.64
C SER A 404 6.62 -5.84 -2.00
N ARG A 405 6.62 -4.90 -2.95
CA ARG A 405 7.24 -5.14 -4.24
C ARG A 405 8.73 -5.37 -4.11
N SER A 406 9.39 -4.64 -3.21
CA SER A 406 10.82 -4.84 -2.97
C SER A 406 11.10 -6.24 -2.44
N TYR A 407 10.34 -6.64 -1.43
CA TYR A 407 10.44 -8.00 -0.92
C TYR A 407 10.22 -9.00 -2.06
N LEU A 408 9.17 -8.78 -2.87
CA LEU A 408 8.86 -9.71 -3.96
C LEU A 408 10.05 -9.85 -4.93
N ILE A 409 10.61 -8.72 -5.37
CA ILE A 409 11.78 -8.76 -6.26
C ILE A 409 12.97 -9.49 -5.61
N ALA A 410 13.23 -9.22 -4.34
CA ALA A 410 14.27 -9.92 -3.60
C ALA A 410 13.98 -11.41 -3.59
N ASN A 411 12.70 -11.75 -3.39
CA ASN A 411 12.29 -13.15 -3.38
C ASN A 411 12.52 -13.85 -4.74
N LEU A 412 12.20 -13.18 -5.83
CA LEU A 412 12.43 -13.73 -7.17
C LEU A 412 13.92 -13.95 -7.39
N LEU A 413 14.73 -12.94 -7.08
CA LEU A 413 16.17 -13.04 -7.24
C LEU A 413 16.76 -14.19 -6.41
N GLU A 414 16.26 -14.34 -5.19
CA GLU A 414 16.65 -15.46 -4.35
C GLU A 414 16.32 -16.83 -4.98
N GLN A 415 15.12 -16.97 -5.53
CA GLN A 415 14.73 -18.26 -6.13
C GLN A 415 15.52 -18.55 -7.41
N LEU A 416 15.81 -17.50 -8.18
CA LEU A 416 16.63 -17.64 -9.37
C LEU A 416 18.07 -18.02 -9.00
N ASN A 417 18.53 -17.52 -7.85
CA ASN A 417 19.87 -17.85 -7.38
C ASN A 417 19.98 -19.35 -7.04
N LYS A 418 18.90 -19.94 -6.55
CA LYS A 418 18.82 -21.39 -6.35
C LYS A 418 19.06 -22.17 -7.65
N GLU A 419 18.61 -21.59 -8.76
CA GLU A 419 18.56 -22.24 -10.07
C GLU A 419 17.79 -23.55 -10.04
#